data_4TX9
#
_entry.id   4TX9
#
_cell.length_a   72.546
_cell.length_b   72.546
_cell.length_c   143.286
_cell.angle_alpha   90.00
_cell.angle_beta   90.00
_cell.angle_gamma   90.00
#
_symmetry.space_group_name_H-M   'P 43 21 2'
#
loop_
_entity.id
_entity.type
_entity.pdbx_description
1 polymer 'Phosphoribosyl isomerase A'
2 non-polymer 'SULFATE ION'
3 non-polymer 'AMINOIMIDAZOLE 4-CARBOXAMIDE RIBONUCLEOTIDE'
4 water water
#
_entity_poly.entity_id   1
_entity_poly.type   'polypeptide(L)'
_entity_poly.pdbx_seq_one_letter_code
;SNA(MSE)PSKLSRLELLPAVDVRDGQAVRLVHGESGTETSYGSPLEAALSWQRAGAEWLHLVDLDAAFGTGDNRELVRQ
VTEA(MSE)DIKVELSGGIRDDASLAAALATGCTRVNLGTAALESPEWVAKVIAEHGDRIAVGLDVRGTTLKGRGWTSEG
GDLYEALERLDKEGCARYVVTDIAKDGTLQGPNLELLRNVCAATDRPVVASGGVSSLDDLRAIAELVPLGVEGSIVGKAL
YAKAFTLEEALEAVAQ
;
_entity_poly.pdbx_strand_id   A
#
# COMPACT_ATOMS: atom_id res chain seq x y z
N ALA A 3 -15.54 -24.03 4.45
CA ALA A 3 -14.06 -23.78 4.45
C ALA A 3 -13.40 -24.32 5.73
N PRO A 5 -11.24 -25.40 8.97
CA PRO A 5 -10.46 -24.61 9.93
C PRO A 5 -8.94 -24.71 9.68
N SER A 6 -8.21 -23.62 9.91
CA SER A 6 -6.75 -23.64 9.81
C SER A 6 -6.12 -22.72 10.86
N LYS A 7 -4.82 -22.91 11.11
CA LYS A 7 -4.08 -22.09 12.07
C LYS A 7 -3.39 -20.92 11.39
N LEU A 8 -3.55 -20.80 10.07
CA LEU A 8 -3.00 -19.67 9.33
C LEU A 8 -3.64 -18.40 9.83
N SER A 9 -2.90 -17.28 9.71
CA SER A 9 -3.43 -16.00 10.08
C SER A 9 -4.49 -15.60 9.07
N ARG A 10 -5.42 -14.75 9.49
CA ARG A 10 -6.41 -14.22 8.57
C ARG A 10 -5.82 -13.09 7.76
N LEU A 11 -6.48 -12.75 6.68
CA LEU A 11 -6.05 -11.61 5.88
C LEU A 11 -6.06 -10.32 6.69
N GLU A 12 -4.94 -9.59 6.71
CA GLU A 12 -4.91 -8.26 7.32
C GLU A 12 -5.55 -7.23 6.39
N LEU A 13 -6.29 -6.29 6.99
CA LEU A 13 -6.87 -5.19 6.20
C LEU A 13 -6.17 -3.88 6.56
N LEU A 14 -5.80 -3.15 5.50
CA LEU A 14 -5.11 -1.87 5.67
C LEU A 14 -5.90 -0.77 4.94
N PRO A 15 -6.86 -0.17 5.63
CA PRO A 15 -7.54 1.01 5.05
C PRO A 15 -6.56 2.10 4.68
N ALA A 16 -6.76 2.66 3.49
CA ALA A 16 -5.86 3.69 2.96
C ALA A 16 -6.29 5.10 3.26
N VAL A 17 -5.31 5.93 3.63
CA VAL A 17 -5.47 7.39 3.68
C VAL A 17 -4.38 7.98 2.80
N ASP A 18 -4.80 8.45 1.61
CA ASP A 18 -3.88 9.04 0.62
C ASP A 18 -4.09 10.55 0.67
N VAL A 19 -3.03 11.31 0.91
CA VAL A 19 -3.13 12.74 1.19
C VAL A 19 -2.64 13.56 0.01
N ARG A 20 -3.48 14.45 -0.50
CA ARG A 20 -3.06 15.43 -1.45
C ARG A 20 -3.69 16.77 -1.14
N ASP A 21 -2.89 17.82 -1.17
CA ASP A 21 -3.33 19.18 -0.88
C ASP A 21 -4.10 19.21 0.45
N GLY A 22 -3.60 18.45 1.43
CA GLY A 22 -4.14 18.51 2.78
C GLY A 22 -5.40 17.68 3.00
N GLN A 23 -5.86 16.98 1.97
CA GLN A 23 -7.10 16.20 2.02
C GLN A 23 -6.86 14.73 1.83
N ALA A 24 -7.72 13.90 2.44
CA ALA A 24 -7.80 12.49 2.10
C ALA A 24 -8.47 12.36 0.74
N VAL A 25 -7.82 11.73 -0.21
CA VAL A 25 -8.36 11.64 -1.56
C VAL A 25 -8.28 10.23 -2.11
N ARG A 26 -9.13 9.98 -3.10
N ARG A 26 -9.11 9.90 -3.08
CA ARG A 26 -9.14 8.78 -3.92
CA ARG A 26 -8.86 8.72 -3.89
C ARG A 26 -8.99 9.21 -5.39
C ARG A 26 -8.99 9.14 -5.36
N LEU A 27 -8.16 8.51 -6.16
CA LEU A 27 -7.99 8.80 -7.57
C LEU A 27 -8.52 7.64 -8.42
N VAL A 28 -8.45 7.77 -9.74
CA VAL A 28 -8.77 6.68 -10.66
C VAL A 28 -7.49 6.41 -11.41
N HIS A 29 -6.96 5.19 -11.26
CA HIS A 29 -5.69 4.78 -11.86
C HIS A 29 -4.55 5.67 -11.41
N GLY A 30 -4.72 6.25 -10.24
CA GLY A 30 -3.78 7.20 -9.71
C GLY A 30 -3.53 8.41 -10.59
N GLU A 31 -4.47 8.78 -11.45
CA GLU A 31 -4.24 9.87 -12.41
C GLU A 31 -4.43 11.22 -11.73
N SER A 32 -3.40 12.05 -11.78
CA SER A 32 -3.50 13.42 -11.27
C SER A 32 -4.67 14.14 -11.91
N GLY A 33 -5.51 14.77 -11.07
CA GLY A 33 -6.71 15.42 -11.58
C GLY A 33 -7.98 14.65 -11.39
N THR A 34 -7.86 13.36 -11.01
CA THR A 34 -9.06 12.55 -10.79
C THR A 34 -9.39 12.42 -9.30
N GLU A 35 -8.79 13.27 -8.48
CA GLU A 35 -9.04 13.26 -7.05
C GLU A 35 -10.48 13.53 -6.66
N THR A 36 -11.00 12.63 -5.83
CA THR A 36 -12.21 12.85 -5.03
C THR A 36 -11.78 13.02 -3.58
N SER A 37 -12.25 14.07 -2.93
CA SER A 37 -11.79 14.42 -1.60
C SER A 37 -12.82 14.00 -0.57
N TYR A 38 -12.32 13.47 0.55
N TYR A 38 -12.34 13.51 0.55
CA TYR A 38 -13.14 12.99 1.66
CA TYR A 38 -13.18 13.00 1.64
C TYR A 38 -12.69 13.62 2.99
C TYR A 38 -12.93 13.73 2.97
N GLY A 39 -12.24 14.86 2.92
CA GLY A 39 -12.02 15.68 4.09
C GLY A 39 -10.70 15.41 4.75
N SER A 40 -10.66 15.67 6.04
CA SER A 40 -9.38 15.66 6.69
C SER A 40 -8.79 14.26 6.86
N PRO A 41 -7.48 14.15 6.59
CA PRO A 41 -6.79 12.87 6.78
C PRO A 41 -6.88 12.37 8.21
N LEU A 42 -6.75 13.25 9.19
CA LEU A 42 -6.87 12.83 10.58
C LEU A 42 -8.24 12.21 10.87
N GLU A 43 -9.32 12.87 10.46
CA GLU A 43 -10.64 12.31 10.72
C GLU A 43 -10.86 10.98 10.02
N ALA A 44 -10.33 10.85 8.81
CA ALA A 44 -10.43 9.60 8.07
C ALA A 44 -9.72 8.48 8.85
N ALA A 45 -8.47 8.73 9.19
CA ALA A 45 -7.66 7.75 9.93
C ALA A 45 -8.33 7.33 11.25
N LEU A 46 -8.81 8.29 12.04
CA LEU A 46 -9.47 8.00 13.31
C LEU A 46 -10.76 7.21 13.12
N SER A 47 -11.48 7.48 12.02
CA SER A 47 -12.66 6.69 11.65
C SER A 47 -12.30 5.23 11.47
N TRP A 48 -11.22 4.97 10.76
CA TRP A 48 -10.85 3.58 10.50
C TRP A 48 -10.40 2.94 11.83
N GLN A 49 -9.65 3.68 12.64
CA GLN A 49 -9.25 3.14 13.94
C GLN A 49 -10.46 2.82 14.81
N ARG A 50 -11.47 3.70 14.86
CA ARG A 50 -12.68 3.43 15.64
C ARG A 50 -13.42 2.18 15.18
N ALA A 51 -13.33 1.91 13.88
CA ALA A 51 -14.03 0.78 13.25
C ALA A 51 -13.30 -0.53 13.43
N GLY A 52 -12.12 -0.49 14.06
CA GLY A 52 -11.41 -1.69 14.42
C GLY A 52 -10.20 -1.98 13.56
N ALA A 53 -9.76 -1.01 12.75
CA ALA A 53 -8.56 -1.23 11.93
C ALA A 53 -7.36 -1.64 12.79
N GLU A 54 -6.55 -2.57 12.26
CA GLU A 54 -5.29 -2.96 12.87
C GLU A 54 -4.10 -2.19 12.30
N TRP A 55 -4.29 -1.68 11.09
CA TRP A 55 -3.30 -1.01 10.22
C TRP A 55 -3.93 0.19 9.58
N LEU A 56 -3.10 1.18 9.32
CA LEU A 56 -3.42 2.29 8.43
C LEU A 56 -2.35 2.30 7.33
N HIS A 57 -2.76 2.40 6.07
CA HIS A 57 -1.84 2.59 4.95
C HIS A 57 -1.88 4.07 4.55
N LEU A 58 -0.84 4.81 4.91
CA LEU A 58 -0.82 6.27 4.84
C LEU A 58 0.18 6.73 3.78
N VAL A 59 -0.31 7.46 2.78
CA VAL A 59 0.52 7.86 1.63
C VAL A 59 0.49 9.38 1.49
N ASP A 60 1.68 9.99 1.41
CA ASP A 60 1.78 11.38 1.04
C ASP A 60 1.87 11.41 -0.47
N LEU A 61 0.75 11.61 -1.13
CA LEU A 61 0.69 11.57 -2.60
C LEU A 61 1.37 12.78 -3.24
N ASP A 62 1.31 13.95 -2.60
CA ASP A 62 2.05 15.08 -3.14
C ASP A 62 3.53 14.74 -3.17
N ALA A 63 4.02 14.07 -2.14
CA ALA A 63 5.43 13.73 -2.12
C ALA A 63 5.76 12.73 -3.22
N ALA A 64 4.86 11.80 -3.48
CA ALA A 64 5.08 10.81 -4.58
C ALA A 64 5.11 11.53 -5.94
N PHE A 65 4.20 12.47 -6.16
CA PHE A 65 4.15 13.23 -7.43
C PHE A 65 5.22 14.26 -7.56
N GLY A 66 5.78 14.69 -6.43
CA GLY A 66 6.75 15.77 -6.47
C GLY A 66 6.11 17.15 -6.49
N THR A 67 4.87 17.26 -6.05
CA THR A 67 4.11 18.53 -6.00
C THR A 67 4.01 18.98 -4.55
N GLY A 68 5.16 19.34 -3.99
CA GLY A 68 5.25 19.63 -2.58
C GLY A 68 5.06 18.40 -1.72
N ASP A 69 4.56 18.60 -0.52
CA ASP A 69 4.37 17.50 0.39
C ASP A 69 3.35 17.86 1.47
N ASN A 70 3.04 16.85 2.28
CA ASN A 70 2.17 16.98 3.44
C ASN A 70 2.84 16.41 4.70
N ARG A 71 4.11 16.71 4.87
CA ARG A 71 4.90 16.04 5.90
C ARG A 71 4.35 16.25 7.31
N GLU A 72 3.90 17.47 7.63
CA GLU A 72 3.42 17.76 8.97
C GLU A 72 2.13 16.97 9.22
N LEU A 73 1.21 16.97 8.26
CA LEU A 73 -0.04 16.23 8.45
C LEU A 73 0.18 14.74 8.58
N VAL A 74 1.06 14.14 7.77
CA VAL A 74 1.17 12.70 7.84
C VAL A 74 1.90 12.36 9.13
N ARG A 75 2.80 13.23 9.63
CA ARG A 75 3.39 13.05 10.94
C ARG A 75 2.32 13.07 12.03
N GLN A 76 1.45 14.06 11.98
CA GLN A 76 0.40 14.18 12.98
C GLN A 76 -0.54 12.97 12.99
N VAL A 77 -0.90 12.51 11.80
CA VAL A 77 -1.78 11.35 11.68
C VAL A 77 -1.09 10.14 12.28
N THR A 78 0.18 9.94 11.91
CA THR A 78 0.93 8.78 12.41
C THR A 78 1.00 8.83 13.94
N GLU A 79 1.34 9.99 14.52
CA GLU A 79 1.43 10.09 15.95
C GLU A 79 0.09 9.81 16.67
N ALA A 80 -1.02 10.18 16.06
CA ALA A 80 -2.34 9.97 16.67
C ALA A 80 -2.79 8.50 16.66
N ASP A 82 -2.97 4.63 17.45
CA ASP A 82 -2.57 3.57 18.39
C ASP A 82 -2.25 2.31 17.60
N ILE A 83 -2.76 2.25 16.39
CA ILE A 83 -2.63 1.07 15.57
C ILE A 83 -1.38 1.19 14.71
N LYS A 84 -1.07 0.14 13.97
CA LYS A 84 0.13 0.10 13.14
C LYS A 84 -0.05 0.98 11.93
N VAL A 85 1.02 1.65 11.50
CA VAL A 85 0.98 2.56 10.36
C VAL A 85 2.06 2.19 9.36
N GLU A 86 1.65 2.02 8.12
CA GLU A 86 2.52 1.84 6.97
C GLU A 86 2.54 3.16 6.24
N LEU A 87 3.72 3.76 6.15
CA LEU A 87 3.90 5.12 5.66
C LEU A 87 4.70 5.14 4.34
N SER A 88 4.25 5.92 3.36
CA SER A 88 4.98 6.03 2.12
C SER A 88 4.77 7.36 1.45
N GLY A 89 5.54 7.58 0.38
CA GLY A 89 5.49 8.80 -0.41
C GLY A 89 6.73 9.66 -0.18
N GLY A 90 7.57 9.76 -1.21
CA GLY A 90 8.78 10.58 -1.17
C GLY A 90 9.99 10.00 -0.48
N ILE A 91 9.95 8.72 -0.09
CA ILE A 91 11.03 8.16 0.73
C ILE A 91 12.07 7.60 -0.24
N ARG A 92 13.04 8.44 -0.56
CA ARG A 92 13.93 8.23 -1.70
C ARG A 92 15.42 8.44 -1.43
N ASP A 93 15.74 8.81 -0.21
CA ASP A 93 17.11 9.02 0.20
C ASP A 93 17.24 8.95 1.71
N ASP A 94 18.45 9.02 2.22
CA ASP A 94 18.68 8.81 3.64
C ASP A 94 17.85 9.78 4.50
N ALA A 95 17.78 11.05 4.09
CA ALA A 95 17.09 12.06 4.94
C ALA A 95 15.58 11.85 4.94
N SER A 96 14.99 11.55 3.80
CA SER A 96 13.55 11.34 3.76
C SER A 96 13.19 10.04 4.48
N LEU A 97 14.07 9.03 4.43
CA LEU A 97 13.84 7.79 5.16
C LEU A 97 13.95 8.09 6.67
N ALA A 98 14.96 8.83 7.09
CA ALA A 98 15.16 9.12 8.52
C ALA A 98 13.95 9.88 9.06
N ALA A 99 13.41 10.79 8.25
CA ALA A 99 12.25 11.57 8.70
C ALA A 99 11.04 10.67 8.84
N ALA A 100 10.84 9.78 7.87
CA ALA A 100 9.72 8.87 7.92
C ALA A 100 9.82 7.95 9.14
N LEU A 101 10.97 7.37 9.37
CA LEU A 101 11.13 6.47 10.51
C LEU A 101 10.89 7.20 11.84
N ALA A 102 11.30 8.46 11.92
CA ALA A 102 11.17 9.24 13.17
C ALA A 102 9.71 9.54 13.53
N THR A 103 8.79 9.31 12.61
CA THR A 103 7.36 9.53 12.90
C THR A 103 6.80 8.44 13.81
N GLY A 104 7.56 7.35 13.96
CA GLY A 104 7.11 6.19 14.69
C GLY A 104 6.19 5.25 13.92
N CYS A 105 6.16 5.36 12.60
CA CYS A 105 5.43 4.40 11.80
C CYS A 105 5.95 2.98 12.06
N THR A 106 5.14 1.98 11.75
CA THR A 106 5.55 0.57 11.92
C THR A 106 6.47 0.11 10.79
N ARG A 107 6.13 0.50 9.56
CA ARG A 107 7.00 0.26 8.43
C ARG A 107 6.78 1.30 7.36
N VAL A 108 7.73 1.43 6.45
CA VAL A 108 7.61 2.30 5.30
C VAL A 108 7.52 1.48 4.03
N ASN A 109 6.98 2.08 2.97
CA ASN A 109 7.07 1.48 1.63
C ASN A 109 7.92 2.37 0.74
N LEU A 110 8.84 1.75 -0.02
CA LEU A 110 9.64 2.47 -1.01
C LEU A 110 9.13 2.14 -2.39
N GLY A 111 8.91 3.14 -3.23
CA GLY A 111 8.46 2.92 -4.61
C GLY A 111 9.51 3.31 -5.63
N THR A 112 9.57 4.61 -5.95
CA THR A 112 10.50 5.13 -6.94
C THR A 112 11.91 4.69 -6.69
N ALA A 113 12.35 4.70 -5.42
CA ALA A 113 13.75 4.40 -5.15
C ALA A 113 14.14 3.00 -5.56
N ALA A 114 13.21 2.06 -5.56
CA ALA A 114 13.53 0.70 -6.00
C ALA A 114 13.78 0.63 -7.49
N LEU A 115 13.31 1.64 -8.21
CA LEU A 115 13.50 1.74 -9.66
C LEU A 115 14.74 2.58 -10.00
N GLU A 116 14.95 3.67 -9.26
CA GLU A 116 15.96 4.66 -9.61
C GLU A 116 17.26 4.51 -8.83
N SER A 117 17.16 3.94 -7.63
CA SER A 117 18.27 3.86 -6.67
C SER A 117 18.36 2.47 -6.06
N PRO A 118 18.48 1.42 -6.90
CA PRO A 118 18.41 0.07 -6.34
C PRO A 118 19.54 -0.24 -5.32
N GLU A 119 20.72 0.33 -5.49
CA GLU A 119 21.83 0.06 -4.56
C GLU A 119 21.49 0.68 -3.20
N TRP A 120 20.85 1.83 -3.22
CA TRP A 120 20.45 2.49 -1.96
C TRP A 120 19.36 1.64 -1.29
N VAL A 121 18.37 1.16 -2.04
CA VAL A 121 17.34 0.31 -1.46
C VAL A 121 17.96 -0.96 -0.87
N ALA A 122 18.94 -1.55 -1.55
CA ALA A 122 19.60 -2.72 -1.03
C ALA A 122 20.22 -2.44 0.34
N LYS A 123 20.85 -1.27 0.46
CA LYS A 123 21.50 -0.88 1.70
C LYS A 123 20.46 -0.70 2.82
N VAL A 124 19.36 -0.05 2.49
CA VAL A 124 18.29 0.24 3.45
C VAL A 124 17.64 -1.03 3.96
N ILE A 125 17.42 -1.97 3.05
CA ILE A 125 16.89 -3.28 3.42
C ILE A 125 17.84 -3.97 4.41
N ALA A 126 19.15 -3.91 4.14
CA ALA A 126 20.10 -4.59 4.96
C ALA A 126 20.19 -3.98 6.35
N GLU A 127 19.99 -2.67 6.44
CA GLU A 127 20.11 -1.97 7.72
C GLU A 127 18.83 -2.03 8.54
N HIS A 128 17.68 -2.00 7.90
CA HIS A 128 16.40 -1.78 8.61
C HIS A 128 15.42 -2.93 8.62
N GLY A 129 15.72 -4.03 7.94
CA GLY A 129 14.90 -5.21 8.04
C GLY A 129 13.42 -5.00 7.74
N ASP A 130 12.57 -5.51 8.60
CA ASP A 130 11.15 -5.53 8.27
C ASP A 130 10.44 -4.19 8.53
N ARG A 131 11.17 -3.15 8.93
N ARG A 131 11.17 -3.16 8.93
CA ARG A 131 10.60 -1.79 8.86
CA ARG A 131 10.66 -1.77 8.84
C ARG A 131 10.60 -1.24 7.42
C ARG A 131 10.47 -1.32 7.40
N ILE A 132 11.07 -2.06 6.46
CA ILE A 132 11.06 -1.72 5.05
C ILE A 132 10.25 -2.70 4.20
N ALA A 133 9.33 -2.19 3.39
CA ALA A 133 8.71 -2.97 2.32
C ALA A 133 8.88 -2.20 1.02
N VAL A 134 8.82 -2.90 -0.09
CA VAL A 134 8.93 -2.25 -1.40
C VAL A 134 7.55 -2.26 -2.05
N GLY A 135 7.12 -1.09 -2.49
CA GLY A 135 5.90 -0.94 -3.26
C GLY A 135 6.18 -1.12 -4.73
N LEU A 136 5.58 -2.16 -5.30
CA LEU A 136 5.69 -2.54 -6.71
C LEU A 136 4.33 -2.25 -7.40
N ASP A 137 4.28 -1.15 -8.12
CA ASP A 137 3.04 -0.67 -8.73
C ASP A 137 3.18 -0.78 -10.21
N VAL A 138 2.28 -1.56 -10.79
CA VAL A 138 2.36 -1.95 -12.19
C VAL A 138 1.16 -1.59 -13.04
N ARG A 139 1.46 -1.32 -14.29
CA ARG A 139 0.48 -1.43 -15.36
C ARG A 139 0.90 -2.69 -16.10
N GLY A 140 0.11 -3.75 -16.03
CA GLY A 140 0.51 -5.04 -16.61
C GLY A 140 1.60 -5.62 -15.75
N THR A 141 2.81 -5.75 -16.30
CA THR A 141 3.97 -6.17 -15.51
C THR A 141 5.09 -5.13 -15.55
N THR A 142 4.76 -3.91 -15.97
CA THR A 142 5.70 -2.81 -16.08
C THR A 142 5.56 -1.91 -14.88
N LEU A 143 6.64 -1.81 -14.12
CA LEU A 143 6.67 -0.95 -12.91
C LEU A 143 6.63 0.50 -13.25
N LYS A 144 6.04 1.29 -12.35
CA LYS A 144 5.91 2.73 -12.51
C LYS A 144 6.35 3.45 -11.25
N GLY A 145 7.00 4.57 -11.44
CA GLY A 145 7.46 5.44 -10.35
C GLY A 145 6.96 6.85 -10.43
N ARG A 146 7.45 7.71 -9.54
CA ARG A 146 7.14 9.12 -9.52
C ARG A 146 5.63 9.42 -9.62
N GLY A 147 4.87 8.79 -8.75
CA GLY A 147 3.42 9.04 -8.74
C GLY A 147 2.74 8.32 -9.90
N TRP A 148 3.47 7.35 -10.43
CA TRP A 148 3.10 6.46 -11.54
C TRP A 148 3.21 7.16 -12.90
N THR A 149 4.06 8.20 -12.94
CA THR A 149 4.35 8.97 -14.15
C THR A 149 5.63 8.56 -14.85
N SER A 150 6.46 7.74 -14.20
CA SER A 150 7.72 7.29 -14.78
C SER A 150 7.74 5.78 -15.03
N GLU A 151 8.61 5.35 -15.94
CA GLU A 151 8.73 3.96 -16.34
C GLU A 151 9.82 3.23 -15.58
N GLY A 152 9.50 2.07 -15.05
CA GLY A 152 10.47 1.22 -14.42
C GLY A 152 10.55 -0.01 -15.29
N GLY A 153 11.12 -1.07 -14.78
CA GLY A 153 11.24 -2.26 -15.59
C GLY A 153 10.18 -3.31 -15.32
N ASP A 154 10.58 -4.54 -15.61
CA ASP A 154 9.72 -5.70 -15.43
C ASP A 154 9.57 -6.06 -13.97
N LEU A 155 8.33 -6.34 -13.57
CA LEU A 155 8.00 -6.75 -12.23
C LEU A 155 8.83 -7.92 -11.71
N TYR A 156 8.95 -8.98 -12.52
CA TYR A 156 9.53 -10.19 -12.02
C TYR A 156 11.05 -10.08 -11.89
N GLU A 157 11.66 -9.30 -12.77
N GLU A 157 11.67 -9.30 -12.76
CA GLU A 157 13.08 -8.96 -12.66
CA GLU A 157 13.09 -9.01 -12.62
C GLU A 157 13.35 -8.27 -11.34
C GLU A 157 13.34 -8.27 -11.32
N ALA A 158 12.47 -7.34 -10.97
CA ALA A 158 12.61 -6.61 -9.73
C ALA A 158 12.45 -7.53 -8.53
N LEU A 159 11.42 -8.38 -8.56
CA LEU A 159 11.17 -9.31 -7.44
C LEU A 159 12.36 -10.22 -7.25
N GLU A 160 12.97 -10.70 -8.33
CA GLU A 160 14.08 -11.62 -8.20
C GLU A 160 15.27 -10.89 -7.53
N ARG A 161 15.49 -9.62 -7.89
CA ARG A 161 16.62 -8.88 -7.38
C ARG A 161 16.39 -8.55 -5.91
N LEU A 162 15.18 -8.09 -5.62
CA LEU A 162 14.82 -7.70 -4.25
C LEU A 162 14.79 -8.90 -3.33
N ASP A 163 14.37 -10.07 -3.84
CA ASP A 163 14.44 -11.29 -3.03
C ASP A 163 15.89 -11.55 -2.61
N LYS A 164 16.80 -11.46 -3.57
CA LYS A 164 18.19 -11.73 -3.29
C LYS A 164 18.81 -10.72 -2.30
N GLU A 165 18.32 -9.49 -2.37
CA GLU A 165 18.78 -8.43 -1.47
C GLU A 165 18.17 -8.57 -0.08
N GLY A 166 17.23 -9.49 0.09
CA GLY A 166 16.66 -9.79 1.39
C GLY A 166 15.43 -8.97 1.75
N CYS A 167 14.76 -8.39 0.75
CA CYS A 167 13.56 -7.63 1.05
C CYS A 167 12.54 -8.48 1.78
N ALA A 168 11.87 -7.88 2.76
CA ALA A 168 10.99 -8.61 3.66
C ALA A 168 9.58 -8.78 3.16
N ARG A 169 9.14 -7.90 2.27
CA ARG A 169 7.74 -7.73 2.01
C ARG A 169 7.50 -6.85 0.82
N TYR A 170 6.50 -7.20 0.01
CA TYR A 170 6.11 -6.42 -1.15
C TYR A 170 4.67 -5.97 -1.05
N VAL A 171 4.42 -4.75 -1.49
CA VAL A 171 3.07 -4.21 -1.59
C VAL A 171 2.82 -3.98 -3.07
N VAL A 172 1.86 -4.72 -3.63
CA VAL A 172 1.71 -4.77 -5.08
C VAL A 172 0.40 -4.13 -5.52
N THR A 173 0.47 -3.06 -6.32
CA THR A 173 -0.74 -2.38 -6.82
C THR A 173 -0.90 -2.64 -8.29
N ASP A 174 -2.09 -3.06 -8.72
CA ASP A 174 -2.43 -3.01 -10.13
C ASP A 174 -3.04 -1.64 -10.40
N ILE A 175 -2.26 -0.78 -11.05
CA ILE A 175 -2.67 0.58 -11.34
C ILE A 175 -3.92 0.63 -12.19
N ALA A 176 -4.12 -0.36 -13.05
CA ALA A 176 -5.29 -0.37 -13.91
C ALA A 176 -6.57 -0.65 -13.12
N LYS A 177 -6.47 -1.19 -11.92
CA LYS A 177 -7.63 -1.42 -11.06
C LYS A 177 -7.83 -0.35 -9.99
N ASP A 178 -6.78 0.39 -9.68
N ASP A 178 -6.79 0.44 -9.74
CA ASP A 178 -6.85 1.27 -8.56
CA ASP A 178 -6.78 1.46 -8.70
C ASP A 178 -7.86 2.39 -8.76
C ASP A 178 -7.94 2.44 -8.82
N GLY A 179 -8.75 2.51 -7.77
CA GLY A 179 -9.81 3.49 -7.73
C GLY A 179 -10.95 3.24 -8.69
N THR A 180 -11.03 2.03 -9.23
CA THR A 180 -12.03 1.72 -10.24
C THR A 180 -13.25 0.93 -9.74
N LEU A 181 -13.14 0.32 -8.57
CA LEU A 181 -14.19 -0.57 -8.05
C LEU A 181 -14.51 -1.69 -9.07
N GLN A 182 -13.50 -2.08 -9.87
CA GLN A 182 -13.68 -3.16 -10.85
C GLN A 182 -13.39 -4.56 -10.30
N GLY A 183 -12.88 -4.65 -9.09
CA GLY A 183 -12.43 -5.90 -8.49
C GLY A 183 -10.93 -6.03 -8.61
N PRO A 184 -10.33 -6.81 -7.72
CA PRO A 184 -8.88 -6.96 -7.69
C PRO A 184 -8.38 -7.87 -8.77
N ASN A 185 -7.13 -7.66 -9.15
CA ASN A 185 -6.46 -8.57 -10.06
C ASN A 185 -5.91 -9.78 -9.30
N LEU A 186 -6.73 -10.83 -9.20
CA LEU A 186 -6.32 -12.00 -8.47
C LEU A 186 -5.18 -12.78 -9.16
N GLU A 187 -5.16 -12.74 -10.48
CA GLU A 187 -4.15 -13.42 -11.25
C GLU A 187 -2.78 -12.86 -10.95
N LEU A 188 -2.69 -11.51 -10.88
CA LEU A 188 -1.44 -10.85 -10.55
C LEU A 188 -0.94 -11.32 -9.19
N LEU A 189 -1.84 -11.40 -8.22
CA LEU A 189 -1.46 -11.85 -6.90
C LEU A 189 -0.95 -13.29 -6.90
N ARG A 190 -1.66 -14.18 -7.59
CA ARG A 190 -1.22 -15.59 -7.65
C ARG A 190 0.15 -15.67 -8.32
N ASN A 191 0.36 -14.86 -9.38
CA ASN A 191 1.62 -14.91 -10.10
C ASN A 191 2.78 -14.38 -9.25
N VAL A 192 2.53 -13.32 -8.53
CA VAL A 192 3.58 -12.77 -7.63
C VAL A 192 3.88 -13.79 -6.54
N CYS A 193 2.86 -14.39 -5.93
CA CYS A 193 3.10 -15.39 -4.87
C CYS A 193 3.86 -16.62 -5.37
N ALA A 194 3.69 -16.98 -6.64
CA ALA A 194 4.49 -18.05 -7.25
C ALA A 194 5.96 -17.70 -7.40
N ALA A 195 6.24 -16.39 -7.53
CA ALA A 195 7.59 -15.86 -7.82
C ALA A 195 8.42 -15.60 -6.55
N THR A 196 7.76 -15.24 -5.46
CA THR A 196 8.44 -14.96 -4.21
C THR A 196 7.85 -15.67 -3.03
N ASP A 197 8.70 -15.96 -2.05
CA ASP A 197 8.24 -16.53 -0.77
C ASP A 197 7.97 -15.47 0.29
N ARG A 198 8.21 -14.19 -0.02
CA ARG A 198 7.95 -13.13 0.94
C ARG A 198 6.46 -12.77 0.99
N PRO A 199 6.02 -12.18 2.11
CA PRO A 199 4.63 -11.75 2.19
C PRO A 199 4.31 -10.68 1.17
N VAL A 200 3.11 -10.78 0.64
CA VAL A 200 2.60 -9.90 -0.39
C VAL A 200 1.35 -9.20 0.13
N VAL A 201 1.31 -7.90 -0.02
CA VAL A 201 0.14 -7.09 0.33
C VAL A 201 -0.49 -6.57 -0.94
N ALA A 202 -1.76 -6.91 -1.15
CA ALA A 202 -2.52 -6.51 -2.32
C ALA A 202 -3.02 -5.08 -2.21
N SER A 203 -3.12 -4.42 -3.34
CA SER A 203 -3.74 -3.10 -3.39
C SER A 203 -4.41 -2.85 -4.73
N GLY A 204 -5.62 -2.30 -4.70
CA GLY A 204 -6.29 -1.80 -5.87
C GLY A 204 -7.49 -2.61 -6.31
N GLY A 205 -8.61 -1.92 -6.48
CA GLY A 205 -9.76 -2.48 -7.14
C GLY A 205 -10.80 -3.13 -6.27
N VAL A 206 -10.55 -3.34 -4.98
CA VAL A 206 -11.55 -4.01 -4.17
C VAL A 206 -12.87 -3.26 -4.27
N SER A 207 -13.96 -3.99 -4.47
CA SER A 207 -15.26 -3.40 -4.68
C SER A 207 -16.37 -3.93 -3.79
N SER A 208 -16.11 -4.99 -3.03
CA SER A 208 -17.14 -5.73 -2.35
C SER A 208 -16.53 -6.67 -1.32
N LEU A 209 -17.37 -7.15 -0.42
CA LEU A 209 -16.95 -8.13 0.56
C LEU A 209 -16.55 -9.44 -0.13
N ASP A 210 -17.24 -9.76 -1.19
CA ASP A 210 -16.86 -10.96 -1.97
C ASP A 210 -15.45 -10.81 -2.53
N ASP A 211 -15.04 -9.61 -2.95
CA ASP A 211 -13.67 -9.42 -3.42
C ASP A 211 -12.66 -9.66 -2.30
N LEU A 212 -12.98 -9.22 -1.09
CA LEU A 212 -12.09 -9.45 0.05
C LEU A 212 -12.03 -10.93 0.38
N ARG A 213 -13.16 -11.62 0.25
CA ARG A 213 -13.18 -13.05 0.51
C ARG A 213 -12.27 -13.72 -0.52
N ALA A 214 -12.32 -13.25 -1.76
CA ALA A 214 -11.49 -13.82 -2.84
C ALA A 214 -9.98 -13.63 -2.56
N ILE A 215 -9.60 -12.44 -2.12
CA ILE A 215 -8.22 -12.21 -1.74
C ILE A 215 -7.85 -13.08 -0.54
N ALA A 216 -8.76 -13.23 0.41
CA ALA A 216 -8.49 -14.03 1.60
C ALA A 216 -8.19 -15.48 1.25
N GLU A 217 -8.79 -16.01 0.18
CA GLU A 217 -8.46 -17.36 -0.26
C GLU A 217 -6.99 -17.53 -0.62
N LEU A 218 -6.32 -16.43 -0.96
CA LEU A 218 -4.93 -16.46 -1.36
C LEU A 218 -3.97 -16.29 -0.20
N VAL A 219 -4.48 -16.18 1.00
CA VAL A 219 -3.60 -16.13 2.14
C VAL A 219 -2.68 -17.34 2.22
N PRO A 220 -3.19 -18.59 1.98
CA PRO A 220 -2.26 -19.73 2.03
C PRO A 220 -1.26 -19.79 0.86
N LEU A 221 -1.38 -18.91 -0.13
CA LEU A 221 -0.39 -18.78 -1.21
C LEU A 221 0.72 -17.82 -0.91
N GLY A 222 0.46 -16.93 0.04
CA GLY A 222 1.40 -15.91 0.44
C GLY A 222 0.89 -14.49 0.52
N VAL A 223 -0.40 -14.25 0.27
CA VAL A 223 -0.95 -12.92 0.40
C VAL A 223 -1.21 -12.65 1.87
N GLU A 224 -0.61 -11.59 2.42
CA GLU A 224 -0.69 -11.31 3.84
C GLU A 224 -1.83 -10.32 4.19
N GLY A 225 -2.08 -9.41 3.28
CA GLY A 225 -2.98 -8.29 3.55
C GLY A 225 -3.51 -7.69 2.28
N SER A 226 -4.51 -6.86 2.50
CA SER A 226 -5.21 -6.11 1.45
C SER A 226 -5.42 -4.66 1.88
N ILE A 227 -4.95 -3.76 1.02
CA ILE A 227 -5.17 -2.32 1.15
C ILE A 227 -6.48 -2.02 0.47
N VAL A 228 -7.31 -1.25 1.13
CA VAL A 228 -8.63 -0.90 0.60
C VAL A 228 -8.85 0.60 0.70
N GLY A 229 -9.18 1.22 -0.42
CA GLY A 229 -9.44 2.65 -0.48
C GLY A 229 -10.89 2.94 -0.81
N LYS A 230 -11.15 3.14 -2.10
CA LYS A 230 -12.43 3.69 -2.53
C LYS A 230 -13.65 2.92 -2.02
N ALA A 231 -13.57 1.60 -1.93
CA ALA A 231 -14.74 0.85 -1.45
C ALA A 231 -15.15 1.25 -0.04
N LEU A 232 -14.21 1.59 0.83
CA LEU A 232 -14.54 2.09 2.15
C LEU A 232 -15.08 3.51 2.13
N TYR A 233 -14.42 4.41 1.39
CA TYR A 233 -14.84 5.80 1.35
C TYR A 233 -16.21 5.93 0.67
N ALA A 234 -16.44 5.12 -0.36
CA ALA A 234 -17.72 5.13 -1.05
C ALA A 234 -18.77 4.19 -0.41
N LYS A 235 -18.47 3.66 0.78
CA LYS A 235 -19.44 2.93 1.58
C LYS A 235 -20.01 1.69 0.89
N ALA A 236 -19.19 0.98 0.09
CA ALA A 236 -19.63 -0.32 -0.44
C ALA A 236 -19.92 -1.29 0.70
N PHE A 237 -19.12 -1.14 1.76
CA PHE A 237 -19.26 -1.90 2.98
C PHE A 237 -18.57 -1.11 4.08
N THR A 238 -18.86 -1.46 5.32
CA THR A 238 -18.14 -0.86 6.45
C THR A 238 -16.89 -1.64 6.77
N LEU A 239 -15.95 -1.00 7.45
CA LEU A 239 -14.75 -1.75 7.86
C LEU A 239 -15.11 -2.86 8.84
N GLU A 240 -16.10 -2.65 9.70
CA GLU A 240 -16.56 -3.69 10.61
C GLU A 240 -17.01 -4.92 9.82
N GLU A 241 -17.75 -4.69 8.75
CA GLU A 241 -18.22 -5.78 7.90
C GLU A 241 -17.06 -6.48 7.18
N ALA A 242 -16.09 -5.70 6.75
CA ALA A 242 -14.92 -6.22 6.05
C ALA A 242 -14.09 -7.10 6.98
N LEU A 243 -13.86 -6.63 8.20
CA LEU A 243 -13.17 -7.44 9.19
C LEU A 243 -13.89 -8.75 9.50
N GLU A 244 -15.21 -8.71 9.61
CA GLU A 244 -15.96 -9.93 9.86
C GLU A 244 -15.88 -10.86 8.63
N ALA A 245 -15.89 -10.29 7.43
CA ALA A 245 -15.88 -11.11 6.23
C ALA A 245 -14.62 -11.97 6.09
N VAL A 246 -13.47 -11.45 6.55
CA VAL A 246 -12.20 -12.14 6.33
C VAL A 246 -11.85 -12.96 7.57
N ALA A 247 -12.65 -12.85 8.63
CA ALA A 247 -12.38 -13.56 9.87
C ALA A 247 -12.79 -15.00 9.76
N GLN A 248 -13.71 -15.22 8.86
CA GLN A 248 -14.95 -15.95 9.15
C GLN A 248 -16.10 -15.09 8.60
#